data_7D4R
#
_entry.id   7D4R
#
_cell.length_a   47.769
_cell.length_b   72.625
_cell.length_c   63.774
_cell.angle_alpha   90.000
_cell.angle_beta   98.986
_cell.angle_gamma   90.000
#
_symmetry.space_group_name_H-M   'P 1 21 1'
#
loop_
_entity.id
_entity.type
_entity.pdbx_description
1 polymer 'Probable glutamine amidotransferase'
2 non-polymer 'MAGNESIUM ION'
3 water water
#
_entity_poly.entity_id   1
_entity_poly.type   'polypeptide(L)'
_entity_poly.pdbx_seq_one_letter_code
;MSRLPLIGVTACTKQIGLHPYHIAGDKYLRAVVNGAGGLPLIIPALGESIDQAALLDSVDGLLFTGSPSNVEPRHYSGPA
SEPGTLHDSDRDATTLPLVRAAIDAGIPVLGICRGFQEMNVAFGGSLHQKVHEVGTFMDHREPADQPLEVQYAPRHAMHV
QPGGVLAGIGLPSEFQVNSIHGQGVDRLAPGLRVEALAPDGLVEAISVEGAKAFALGVQWHPEWQVLTNPNYLAIFQAFG
KACSKRAGQR
;
_entity_poly.pdbx_strand_id   A,B
#
loop_
_chem_comp.id
_chem_comp.type
_chem_comp.name
_chem_comp.formula
MG non-polymer 'MAGNESIUM ION' 'Mg 2'
#
# COMPACT_ATOMS: atom_id res chain seq x y z
N MET A 1 19.85 -8.02 7.10
CA MET A 1 19.38 -8.85 5.95
C MET A 1 17.96 -9.40 6.17
N SER A 2 17.19 -9.37 5.09
CA SER A 2 15.77 -9.70 5.08
C SER A 2 15.53 -11.18 4.77
N ARG A 3 14.35 -11.64 5.18
CA ARG A 3 13.94 -12.99 4.82
C ARG A 3 13.64 -13.13 3.33
N LEU A 4 12.98 -12.13 2.74
CA LEU A 4 12.61 -12.16 1.34
C LEU A 4 12.98 -10.83 0.70
N PRO A 5 13.15 -10.78 -0.63
CA PRO A 5 13.26 -9.48 -1.30
C PRO A 5 11.98 -8.68 -1.10
N LEU A 6 12.15 -7.43 -0.71
CA LEU A 6 11.04 -6.52 -0.46
C LEU A 6 10.74 -5.78 -1.77
N ILE A 7 9.56 -6.04 -2.32
CA ILE A 7 9.20 -5.50 -3.63
C ILE A 7 8.10 -4.49 -3.42
N GLY A 8 8.36 -3.24 -3.77
CA GLY A 8 7.37 -2.21 -3.59
C GLY A 8 6.42 -2.21 -4.77
N VAL A 9 5.14 -2.03 -4.46
CA VAL A 9 4.07 -2.02 -5.45
C VAL A 9 3.41 -0.65 -5.38
N THR A 10 3.38 0.07 -6.51
CA THR A 10 2.85 1.42 -6.49
C THR A 10 1.35 1.44 -6.21
N ALA A 11 0.92 2.32 -5.32
CA ALA A 11 -0.50 2.53 -5.11
C ALA A 11 -1.04 3.60 -6.04
N CYS A 12 -2.35 3.55 -6.25
CA CYS A 12 -3.16 4.59 -6.86
C CYS A 12 -3.97 5.28 -5.77
N THR A 13 -4.46 6.47 -6.06
CA THR A 13 -5.39 7.09 -5.12
C THR A 13 -6.83 6.91 -5.59
N LYS A 14 -7.74 6.88 -4.62
CA LYS A 14 -9.16 6.76 -4.90
C LYS A 14 -9.96 7.28 -3.72
N GLN A 15 -10.99 8.05 -4.01
CA GLN A 15 -11.99 8.43 -3.02
C GLN A 15 -12.98 7.29 -2.86
N ILE A 16 -13.19 6.86 -1.62
CA ILE A 16 -14.15 5.81 -1.30
C ILE A 16 -14.99 6.35 -0.15
N GLY A 17 -16.23 6.68 -0.44
CA GLY A 17 -17.04 7.33 0.57
C GLY A 17 -16.51 8.72 0.84
N LEU A 18 -16.33 9.05 2.12
CA LEU A 18 -15.87 10.37 2.51
C LEU A 18 -14.36 10.45 2.56
N HIS A 19 -13.68 9.33 2.34
CA HIS A 19 -12.26 9.30 2.64
C HIS A 19 -11.41 9.05 1.40
N PRO A 20 -10.26 9.71 1.35
CA PRO A 20 -9.22 9.35 0.36
C PRO A 20 -8.44 8.12 0.79
N TYR A 21 -8.22 7.21 -0.15
CA TYR A 21 -7.44 6.01 0.08
C TYR A 21 -6.33 5.85 -0.94
N HIS A 22 -5.31 5.10 -0.55
CA HIS A 22 -4.29 4.59 -1.44
C HIS A 22 -4.56 3.12 -1.64
N ILE A 23 -4.59 2.69 -2.90
CA ILE A 23 -5.05 1.35 -3.21
C ILE A 23 -4.11 0.63 -4.16
N ALA A 24 -4.08 -0.70 -4.05
CA ALA A 24 -3.34 -1.54 -5.00
C ALA A 24 -4.11 -2.85 -5.20
N GLY A 25 -4.06 -3.34 -6.43
CA GLY A 25 -4.85 -4.50 -6.81
C GLY A 25 -4.30 -5.80 -6.25
N ASP A 26 -5.19 -6.60 -5.68
CA ASP A 26 -4.85 -7.92 -5.16
C ASP A 26 -4.05 -8.75 -6.15
N LYS A 27 -4.39 -8.70 -7.45
CA LYS A 27 -3.69 -9.57 -8.40
C LYS A 27 -2.22 -9.22 -8.52
N TYR A 28 -1.87 -7.95 -8.38
CA TYR A 28 -0.45 -7.59 -8.46
C TYR A 28 0.30 -8.08 -7.24
N LEU A 29 -0.32 -8.01 -6.08
CA LEU A 29 0.34 -8.43 -4.84
C LEU A 29 0.56 -9.93 -4.84
N ARG A 30 -0.43 -10.68 -5.31
CA ARG A 30 -0.27 -12.14 -5.31
C ARG A 30 0.72 -12.57 -6.38
N ALA A 31 0.77 -11.87 -7.51
CA ALA A 31 1.77 -12.19 -8.52
C ALA A 31 3.18 -11.95 -8.00
N VAL A 32 3.36 -10.90 -7.21
CA VAL A 32 4.66 -10.69 -6.57
C VAL A 32 5.02 -11.86 -5.66
N VAL A 33 4.07 -12.31 -4.83
CA VAL A 33 4.35 -13.41 -3.91
C VAL A 33 4.64 -14.68 -4.70
N ASN A 34 3.77 -15.03 -5.62
CA ASN A 34 3.78 -16.34 -6.25
C ASN A 34 4.65 -16.40 -7.48
N GLY A 35 4.77 -15.30 -8.23
CA GLY A 35 5.61 -15.28 -9.41
C GLY A 35 7.01 -14.76 -9.19
N ALA A 36 7.17 -13.75 -8.37
CA ALA A 36 8.48 -13.13 -8.15
C ALA A 36 9.15 -13.63 -6.87
N GLY A 37 8.42 -14.29 -5.98
CA GLY A 37 9.00 -14.77 -4.74
C GLY A 37 9.41 -13.66 -3.79
N GLY A 38 8.75 -12.51 -3.85
CA GLY A 38 9.06 -11.41 -2.96
C GLY A 38 7.97 -11.16 -1.93
N LEU A 39 8.27 -10.23 -1.04
CA LEU A 39 7.30 -9.71 -0.09
C LEU A 39 6.75 -8.40 -0.64
N PRO A 40 5.46 -8.32 -1.00
CA PRO A 40 4.94 -7.06 -1.54
C PRO A 40 4.56 -6.11 -0.41
N LEU A 41 5.12 -4.90 -0.46
CA LEU A 41 4.60 -3.79 0.30
C LEU A 41 4.14 -2.70 -0.65
N ILE A 42 3.07 -2.03 -0.27
CA ILE A 42 2.43 -1.04 -1.12
C ILE A 42 3.01 0.32 -0.83
N ILE A 43 3.48 1.01 -1.87
CA ILE A 43 4.08 2.32 -1.73
C ILE A 43 2.96 3.36 -1.86
N PRO A 44 2.75 4.21 -0.86
CA PRO A 44 1.72 5.25 -0.99
C PRO A 44 2.02 6.24 -2.11
N ALA A 45 0.95 6.79 -2.66
CA ALA A 45 1.10 7.81 -3.71
C ALA A 45 1.06 9.19 -3.07
N LEU A 46 2.11 9.49 -2.30
CA LEU A 46 2.21 10.73 -1.55
C LEU A 46 3.14 11.73 -2.20
N GLY A 47 3.74 11.41 -3.33
CA GLY A 47 4.57 12.41 -4.00
C GLY A 47 5.75 12.82 -3.14
N GLU A 48 5.94 14.14 -3.00
CA GLU A 48 7.12 14.65 -2.31
C GLU A 48 7.03 14.58 -0.79
N SER A 49 5.95 14.03 -0.23
CA SER A 49 5.85 13.95 1.24
C SER A 49 6.74 12.85 1.80
N ILE A 50 6.90 11.76 1.07
CA ILE A 50 7.81 10.68 1.46
C ILE A 50 9.18 10.98 0.89
N ASP A 51 10.22 10.80 1.71
CA ASP A 51 11.58 10.99 1.21
C ASP A 51 11.88 9.92 0.18
N GLN A 52 12.11 10.34 -1.07
CA GLN A 52 12.27 9.39 -2.16
C GLN A 52 13.49 8.51 -1.95
N ALA A 53 14.60 9.07 -1.46
CA ALA A 53 15.80 8.27 -1.28
C ALA A 53 15.63 7.25 -0.16
N ALA A 54 14.93 7.63 0.91
CA ALA A 54 14.60 6.66 1.95
C ALA A 54 13.74 5.54 1.39
N LEU A 55 12.78 5.90 0.54
CA LEU A 55 11.91 4.91 -0.08
C LEU A 55 12.71 3.92 -0.93
N LEU A 56 13.55 4.46 -1.82
CA LEU A 56 14.36 3.59 -2.66
C LEU A 56 15.29 2.71 -1.84
N ASP A 57 15.89 3.26 -0.78
CA ASP A 57 16.76 2.42 0.02
C ASP A 57 16.00 1.28 0.68
N SER A 58 14.70 1.46 0.91
CA SER A 58 13.97 0.45 1.68
C SER A 58 13.54 -0.76 0.86
N VAL A 59 13.54 -0.66 -0.47
CA VAL A 59 13.00 -1.70 -1.32
C VAL A 59 14.12 -2.39 -2.05
N ASP A 60 13.84 -3.65 -2.45
CA ASP A 60 14.71 -4.43 -3.34
C ASP A 60 14.23 -4.42 -4.79
N GLY A 61 13.08 -3.82 -5.07
CA GLY A 61 12.54 -3.80 -6.40
C GLY A 61 11.26 -3.02 -6.39
N LEU A 62 10.84 -2.59 -7.58
CA LEU A 62 9.64 -1.76 -7.74
C LEU A 62 8.77 -2.30 -8.85
N LEU A 63 7.50 -2.61 -8.53
CA LEU A 63 6.47 -2.95 -9.50
C LEU A 63 5.61 -1.71 -9.73
N PHE A 64 5.67 -1.14 -10.95
CA PHE A 64 4.88 0.03 -11.36
C PHE A 64 3.61 -0.46 -12.04
N THR A 65 2.47 -0.35 -11.36
CA THR A 65 1.33 -1.21 -11.71
C THR A 65 0.45 -0.60 -12.81
N GLY A 66 -0.42 -1.46 -13.34
CA GLY A 66 -1.51 -1.00 -14.20
C GLY A 66 -2.60 -0.30 -13.41
N SER A 67 -3.39 0.52 -14.13
CA SER A 67 -4.42 1.32 -13.46
C SER A 67 -5.50 1.65 -14.46
N PRO A 68 -6.78 1.69 -14.07
CA PRO A 68 -7.80 2.32 -14.94
C PRO A 68 -7.45 3.75 -15.33
N SER A 69 -6.68 4.45 -14.47
CA SER A 69 -6.28 5.84 -14.66
C SER A 69 -5.22 5.98 -15.75
N ASN A 70 -4.92 7.24 -16.10
CA ASN A 70 -4.02 7.52 -17.22
C ASN A 70 -3.05 8.64 -16.88
N VAL A 71 -1.81 8.49 -17.34
CA VAL A 71 -0.82 9.56 -17.23
C VAL A 71 -1.40 10.84 -17.84
N GLU A 72 -1.09 11.98 -17.23
CA GLU A 72 -1.58 13.25 -17.77
C GLU A 72 -0.70 13.69 -18.93
N PRO A 73 -1.29 14.11 -20.07
CA PRO A 73 -0.64 14.48 -21.34
C PRO A 73 0.58 15.40 -21.23
N THR A 85 -9.68 10.90 -19.65
CA THR A 85 -10.50 11.54 -18.63
C THR A 85 -10.12 11.00 -17.22
N LEU A 86 -10.02 9.68 -17.06
CA LEU A 86 -9.62 9.11 -15.77
C LEU A 86 -8.13 9.37 -15.54
N HIS A 87 -7.81 10.21 -14.57
CA HIS A 87 -6.44 10.56 -14.27
C HIS A 87 -6.13 10.25 -12.81
N ASP A 88 -4.84 10.39 -12.46
CA ASP A 88 -4.38 10.21 -11.08
C ASP A 88 -3.10 11.04 -10.92
N SER A 89 -3.28 12.37 -10.83
CA SER A 89 -2.10 13.22 -10.67
C SER A 89 -1.34 12.86 -9.40
N ASP A 90 -2.03 12.40 -8.36
CA ASP A 90 -1.35 11.98 -7.13
C ASP A 90 -0.36 10.86 -7.43
N ARG A 91 -0.78 9.86 -8.22
CA ARG A 91 0.17 8.83 -8.64
C ARG A 91 1.24 9.41 -9.56
N ASP A 92 0.84 10.23 -10.54
CA ASP A 92 1.81 10.79 -11.48
C ASP A 92 2.97 11.47 -10.76
N ALA A 93 2.69 12.16 -9.65
CA ALA A 93 3.71 12.89 -8.91
C ALA A 93 4.63 11.98 -8.10
N THR A 94 4.17 10.77 -7.78
CA THR A 94 5.04 9.79 -7.13
C THR A 94 5.85 9.00 -8.14
N THR A 95 5.22 8.51 -9.21
CA THR A 95 5.86 7.46 -9.99
C THR A 95 6.82 7.98 -11.07
N LEU A 96 6.69 9.22 -11.52
CA LEU A 96 7.50 9.63 -12.67
C LEU A 96 8.91 10.06 -12.28
N PRO A 97 9.13 10.83 -11.20
CA PRO A 97 10.51 10.89 -10.69
C PRO A 97 10.98 9.52 -10.22
N LEU A 98 10.10 8.78 -9.53
CA LEU A 98 10.52 7.57 -8.85
C LEU A 98 11.13 6.56 -9.81
N VAL A 99 10.49 6.34 -10.96
CA VAL A 99 10.96 5.27 -11.84
C VAL A 99 12.34 5.61 -12.42
N ARG A 100 12.57 6.87 -12.76
CA ARG A 100 13.91 7.29 -13.15
C ARG A 100 14.89 7.15 -12.01
N ALA A 101 14.47 7.54 -10.81
CA ALA A 101 15.35 7.49 -9.64
C ALA A 101 15.71 6.07 -9.31
N ALA A 102 14.75 5.13 -9.42
CA ALA A 102 15.04 3.73 -9.14
C ALA A 102 16.01 3.14 -10.14
N ILE A 103 15.79 3.40 -11.43
CA ILE A 103 16.65 2.81 -12.46
C ILE A 103 18.07 3.32 -12.32
N ASP A 104 18.22 4.61 -11.99
CA ASP A 104 19.56 5.16 -11.81
C ASP A 104 20.24 4.60 -10.58
N ALA A 105 19.45 4.16 -9.60
CA ALA A 105 20.00 3.56 -8.38
C ALA A 105 20.32 2.09 -8.52
N GLY A 106 19.97 1.47 -9.65
CA GLY A 106 20.16 0.05 -9.79
C GLY A 106 19.10 -0.78 -9.08
N ILE A 107 17.91 -0.21 -8.87
CA ILE A 107 16.80 -0.93 -8.25
C ILE A 107 15.98 -1.56 -9.37
N PRO A 108 15.79 -2.87 -9.38
CA PRO A 108 14.94 -3.48 -10.41
C PRO A 108 13.56 -2.84 -10.51
N VAL A 109 13.11 -2.68 -11.76
CA VAL A 109 11.83 -2.05 -12.06
C VAL A 109 11.10 -2.93 -13.06
N LEU A 110 9.84 -3.24 -12.77
CA LEU A 110 8.93 -3.88 -13.71
C LEU A 110 7.70 -3.00 -13.85
N GLY A 111 7.46 -2.51 -15.06
CA GLY A 111 6.32 -1.66 -15.36
C GLY A 111 5.26 -2.46 -16.11
N ILE A 112 4.03 -2.36 -15.63
CA ILE A 112 2.88 -3.02 -16.24
C ILE A 112 1.85 -1.97 -16.65
N CYS A 113 1.44 -2.02 -17.92
CA CYS A 113 0.34 -1.22 -18.46
C CYS A 113 0.61 0.26 -18.20
N ARG A 114 -0.16 0.90 -17.31
CA ARG A 114 0.10 2.31 -16.99
C ARG A 114 1.55 2.56 -16.56
N GLY A 115 2.14 1.61 -15.84
CA GLY A 115 3.51 1.77 -15.39
C GLY A 115 4.50 1.73 -16.52
N PHE A 116 4.22 0.91 -17.54
CA PHE A 116 4.98 0.87 -18.78
C PHE A 116 4.85 2.18 -19.52
N GLN A 117 3.64 2.70 -19.61
CA GLN A 117 3.46 4.00 -20.25
C GLN A 117 4.19 5.07 -19.48
N GLU A 118 4.18 4.98 -18.16
CA GLU A 118 4.90 5.96 -17.34
C GLU A 118 6.41 5.87 -17.58
N MET A 119 6.94 4.66 -17.82
CA MET A 119 8.38 4.56 -18.06
C MET A 119 8.73 5.27 -19.35
N ASN A 120 7.90 5.10 -20.37
CA ASN A 120 8.15 5.78 -21.64
C ASN A 120 8.11 7.29 -21.46
N VAL A 121 7.07 7.77 -20.78
CA VAL A 121 6.94 9.21 -20.58
C VAL A 121 8.11 9.77 -19.78
N ALA A 122 8.50 9.08 -18.71
CA ALA A 122 9.57 9.58 -17.86
C ALA A 122 10.89 9.73 -18.60
N PHE A 123 11.09 8.96 -19.66
CA PHE A 123 12.32 9.03 -20.44
C PHE A 123 12.17 9.94 -21.66
N GLY A 124 11.05 10.61 -21.81
CA GLY A 124 10.90 11.64 -22.81
C GLY A 124 9.99 11.30 -23.96
N GLY A 125 9.30 10.16 -23.91
CA GLY A 125 8.43 9.77 -24.99
C GLY A 125 7.02 10.25 -24.79
N SER A 126 6.17 9.89 -25.76
CA SER A 126 4.79 10.33 -25.77
C SER A 126 3.85 9.13 -25.88
N LEU A 127 2.56 9.42 -25.68
CA LEU A 127 1.51 8.42 -25.72
C LEU A 127 0.41 8.83 -26.68
N HIS A 128 -0.22 7.81 -27.27
CA HIS A 128 -1.54 7.95 -27.85
C HIS A 128 -2.59 7.88 -26.74
N GLN A 129 -3.44 8.89 -26.64
CA GLN A 129 -4.49 8.88 -25.64
C GLN A 129 -5.58 7.87 -25.98
N LYS A 130 -5.80 7.59 -27.28
CA LYS A 130 -6.81 6.60 -27.71
C LYS A 130 -6.23 5.82 -28.89
N VAL A 131 -5.62 4.68 -28.57
CA VAL A 131 -5.00 3.84 -29.58
C VAL A 131 -6.01 3.45 -30.64
N HIS A 132 -7.23 3.18 -30.22
CA HIS A 132 -8.30 2.74 -31.08
C HIS A 132 -8.86 3.85 -31.94
N GLU A 133 -8.40 5.09 -31.77
CA GLU A 133 -8.83 6.21 -32.60
C GLU A 133 -7.68 6.80 -33.40
N VAL A 134 -6.58 6.05 -33.52
CA VAL A 134 -5.44 6.49 -34.32
C VAL A 134 -5.73 6.25 -35.79
N GLY A 135 -6.35 5.11 -36.09
CA GLY A 135 -6.82 4.75 -37.42
C GLY A 135 -6.15 3.53 -38.01
N THR A 136 -4.91 3.23 -37.59
CA THR A 136 -4.18 2.11 -38.13
C THR A 136 -3.67 1.16 -37.05
N PHE A 137 -4.17 1.28 -35.83
CA PHE A 137 -3.97 0.25 -34.83
C PHE A 137 -5.27 -0.53 -34.64
N MET A 138 -5.15 -1.72 -34.05
CA MET A 138 -6.41 -2.34 -33.63
C MET A 138 -6.92 -1.68 -32.35
N ASP A 139 -8.11 -2.11 -31.92
CA ASP A 139 -8.66 -1.73 -30.62
C ASP A 139 -8.02 -2.62 -29.56
N HIS A 140 -7.24 -2.04 -28.66
CA HIS A 140 -6.53 -2.79 -27.63
C HIS A 140 -7.29 -2.85 -26.33
N ARG A 141 -8.49 -2.32 -26.29
CA ARG A 141 -9.26 -2.31 -25.06
C ARG A 141 -9.85 -3.68 -24.80
N GLU A 142 -10.11 -3.94 -23.52
CA GLU A 142 -10.79 -5.15 -23.12
C GLU A 142 -12.26 -5.08 -23.51
N PRO A 143 -12.88 -6.22 -23.76
CA PRO A 143 -14.32 -6.21 -24.05
C PRO A 143 -15.10 -5.75 -22.84
N ALA A 144 -16.06 -4.85 -23.06
CA ALA A 144 -16.81 -4.25 -21.97
C ALA A 144 -17.82 -5.25 -21.40
N ASP A 145 -18.18 -5.05 -20.14
CA ASP A 145 -19.28 -5.76 -19.49
C ASP A 145 -19.06 -7.27 -19.43
N GLN A 146 -17.82 -7.70 -19.23
CA GLN A 146 -17.56 -9.13 -19.11
C GLN A 146 -16.65 -9.41 -17.93
N PRO A 147 -16.61 -10.67 -17.48
CA PRO A 147 -15.85 -11.01 -16.28
C PRO A 147 -14.35 -10.93 -16.50
N LEU A 148 -13.64 -10.89 -15.37
CA LEU A 148 -12.18 -10.80 -15.37
C LEU A 148 -11.56 -11.87 -16.26
N GLU A 149 -12.04 -13.11 -16.14
CA GLU A 149 -11.47 -14.22 -16.88
C GLU A 149 -11.49 -13.96 -18.38
N VAL A 150 -12.54 -13.29 -18.87
CA VAL A 150 -12.62 -12.99 -20.29
C VAL A 150 -11.80 -11.75 -20.62
N GLN A 151 -11.87 -10.75 -19.74
CA GLN A 151 -11.19 -9.49 -20.03
C GLN A 151 -9.68 -9.66 -20.04
N TYR A 152 -9.14 -10.56 -19.22
CA TYR A 152 -7.70 -10.73 -19.05
C TYR A 152 -7.16 -11.97 -19.77
N ALA A 153 -7.99 -12.64 -20.55
CA ALA A 153 -7.52 -13.75 -21.37
C ALA A 153 -6.68 -13.23 -22.53
N PRO A 154 -5.79 -14.06 -23.10
CA PRO A 154 -4.97 -13.57 -24.23
C PRO A 154 -5.86 -13.14 -25.40
N ARG A 155 -5.50 -12.04 -26.04
CA ARG A 155 -6.32 -11.50 -27.11
C ARG A 155 -5.57 -11.13 -28.36
N HIS A 156 -4.27 -10.88 -28.32
CA HIS A 156 -3.55 -10.59 -29.54
C HIS A 156 -2.11 -11.04 -29.40
N ALA A 157 -1.46 -11.20 -30.54
CA ALA A 157 -0.10 -11.70 -30.57
C ALA A 157 0.89 -10.64 -30.12
N MET A 158 2.12 -11.07 -29.91
CA MET A 158 3.19 -10.22 -29.41
C MET A 158 4.48 -10.76 -30.00
N HIS A 159 5.21 -9.88 -30.71
CA HIS A 159 6.41 -10.26 -31.44
C HIS A 159 7.66 -9.72 -30.75
N VAL A 160 8.44 -10.64 -30.19
CA VAL A 160 9.63 -10.26 -29.44
C VAL A 160 10.69 -9.79 -30.41
N GLN A 161 11.29 -8.63 -30.10
CA GLN A 161 12.40 -8.12 -30.88
C GLN A 161 13.69 -8.70 -30.34
N PRO A 162 14.52 -9.34 -31.16
CA PRO A 162 15.67 -10.08 -30.64
C PRO A 162 16.69 -9.20 -29.95
N GLY A 163 17.51 -9.86 -29.11
CA GLY A 163 18.68 -9.25 -28.56
C GLY A 163 18.47 -8.43 -27.32
N GLY A 164 17.26 -8.42 -26.78
CA GLY A 164 16.93 -7.63 -25.63
C GLY A 164 16.63 -8.48 -24.41
N VAL A 165 15.94 -7.87 -23.45
CA VAL A 165 15.69 -8.52 -22.17
C VAL A 165 14.78 -9.71 -22.35
N LEU A 166 13.72 -9.55 -23.15
CA LEU A 166 12.74 -10.61 -23.28
C LEU A 166 13.33 -11.83 -23.96
N ALA A 167 14.15 -11.63 -24.99
CA ALA A 167 14.78 -12.77 -25.63
C ALA A 167 15.79 -13.42 -24.70
N GLY A 168 16.55 -12.61 -23.94
CA GLY A 168 17.46 -13.18 -22.97
C GLY A 168 16.79 -14.04 -21.93
N ILE A 169 15.58 -13.67 -21.52
CA ILE A 169 14.91 -14.50 -20.53
C ILE A 169 14.34 -15.78 -21.11
N GLY A 170 14.36 -15.93 -22.44
CA GLY A 170 13.94 -17.15 -23.08
C GLY A 170 12.54 -17.17 -23.66
N LEU A 171 11.88 -16.03 -23.77
CA LEU A 171 10.56 -16.03 -24.35
C LEU A 171 10.62 -16.39 -25.83
N PRO A 172 9.58 -17.03 -26.36
CA PRO A 172 9.55 -17.32 -27.79
C PRO A 172 9.41 -16.05 -28.64
N SER A 173 9.72 -16.20 -29.93
CA SER A 173 9.62 -15.08 -30.87
C SER A 173 8.24 -14.48 -30.94
N GLU A 174 7.20 -15.29 -30.81
CA GLU A 174 5.82 -14.84 -30.82
C GLU A 174 5.04 -15.57 -29.72
N PHE A 175 4.16 -14.84 -29.05
CA PHE A 175 3.26 -15.41 -28.05
C PHE A 175 2.06 -14.49 -27.90
N GLN A 176 0.99 -15.03 -27.32
CA GLN A 176 -0.26 -14.29 -27.12
C GLN A 176 -0.25 -13.56 -25.79
N VAL A 177 -0.84 -12.36 -25.78
CA VAL A 177 -0.96 -11.57 -24.57
C VAL A 177 -2.38 -11.04 -24.42
N ASN A 178 -2.73 -10.71 -23.17
CA ASN A 178 -3.95 -9.97 -22.92
C ASN A 178 -3.76 -8.50 -23.32
N SER A 179 -4.87 -7.79 -23.34
CA SER A 179 -4.86 -6.38 -23.77
C SER A 179 -6.05 -5.70 -23.10
N ILE A 180 -5.74 -4.74 -22.23
CA ILE A 180 -6.70 -3.98 -21.45
C ILE A 180 -6.22 -2.53 -21.42
N HIS A 181 -6.06 -1.92 -22.59
CA HIS A 181 -5.51 -0.57 -22.59
C HIS A 181 -6.10 0.26 -23.72
N GLY A 182 -6.52 1.48 -23.39
CA GLY A 182 -6.91 2.45 -24.40
C GLY A 182 -5.80 3.38 -24.82
N GLN A 183 -4.77 3.51 -23.99
CA GLN A 183 -3.59 4.31 -24.34
C GLN A 183 -2.46 3.41 -24.79
N GLY A 184 -1.43 4.03 -25.36
CA GLY A 184 -0.28 3.26 -25.82
C GLY A 184 0.85 4.18 -26.19
N VAL A 185 1.98 3.59 -26.49
CA VAL A 185 3.18 4.37 -26.82
C VAL A 185 3.04 4.95 -28.23
N ASP A 186 3.37 6.25 -28.39
CA ASP A 186 3.45 6.90 -29.70
C ASP A 186 4.92 7.09 -30.03
N ARG A 187 5.55 8.19 -29.62
CA ARG A 187 6.99 8.35 -29.77
C ARG A 187 7.73 7.57 -28.67
N LEU A 188 8.61 6.66 -29.09
CA LEU A 188 9.47 5.93 -28.15
C LEU A 188 10.54 6.85 -27.59
N ALA A 189 10.68 6.84 -26.26
CA ALA A 189 11.65 7.69 -25.59
C ALA A 189 13.06 7.31 -26.02
N PRO A 190 13.98 8.27 -26.07
CA PRO A 190 15.38 7.91 -26.33
C PRO A 190 15.92 7.09 -25.17
N GLY A 191 16.87 6.20 -25.47
CA GLY A 191 17.46 5.38 -24.42
C GLY A 191 16.68 4.14 -24.05
N LEU A 192 15.57 3.89 -24.74
CA LEU A 192 14.76 2.70 -24.55
C LEU A 192 14.88 1.77 -25.75
N ARG A 193 15.10 0.50 -25.46
CA ARG A 193 15.13 -0.55 -26.46
C ARG A 193 13.74 -1.16 -26.63
N VAL A 194 13.31 -1.30 -27.87
CA VAL A 194 12.04 -1.97 -28.13
C VAL A 194 12.18 -3.46 -27.90
N GLU A 195 11.34 -4.00 -27.00
CA GLU A 195 11.37 -5.41 -26.67
C GLU A 195 10.30 -6.23 -27.36
N ALA A 196 9.14 -5.64 -27.70
CA ALA A 196 8.13 -6.39 -28.39
C ALA A 196 7.12 -5.45 -29.03
N LEU A 197 6.54 -5.92 -30.14
CA LEU A 197 5.56 -5.18 -30.91
C LEU A 197 4.29 -5.99 -31.11
N ALA A 198 3.13 -5.35 -30.90
CA ALA A 198 1.88 -5.98 -31.27
C ALA A 198 1.84 -6.13 -32.78
N PRO A 199 0.88 -6.91 -33.31
CA PRO A 199 0.86 -7.18 -34.76
C PRO A 199 0.55 -5.96 -35.59
N ASP A 200 0.00 -4.91 -34.98
CA ASP A 200 -0.30 -3.67 -35.66
C ASP A 200 0.83 -2.66 -35.52
N GLY A 201 2.02 -3.10 -35.10
CA GLY A 201 3.15 -2.23 -34.90
C GLY A 201 3.22 -1.46 -33.59
N LEU A 202 2.28 -1.64 -32.68
CA LEU A 202 2.30 -0.87 -31.45
C LEU A 202 3.41 -1.38 -30.54
N VAL A 203 4.24 -0.47 -30.02
CA VAL A 203 5.23 -0.87 -29.03
C VAL A 203 4.54 -1.27 -27.74
N GLU A 204 4.76 -2.49 -27.31
CA GLU A 204 4.13 -2.99 -26.09
C GLU A 204 5.13 -3.50 -25.07
N ALA A 205 6.42 -3.43 -25.34
CA ALA A 205 7.40 -3.73 -24.30
C ALA A 205 8.68 -2.99 -24.60
N ILE A 206 9.36 -2.54 -23.54
CA ILE A 206 10.58 -1.74 -23.64
C ILE A 206 11.49 -2.13 -22.49
N SER A 207 12.78 -1.85 -22.66
CA SER A 207 13.80 -1.96 -21.63
C SER A 207 14.70 -0.74 -21.70
N VAL A 208 15.35 -0.42 -20.58
CA VAL A 208 16.18 0.76 -20.48
C VAL A 208 17.61 0.38 -20.81
N GLU A 209 18.12 0.94 -21.90
CA GLU A 209 19.46 0.63 -22.36
C GLU A 209 20.49 1.07 -21.34
N GLY A 210 21.43 0.18 -21.02
CA GLY A 210 22.47 0.50 -20.07
C GLY A 210 22.04 0.53 -18.62
N ALA A 211 20.79 0.22 -18.31
CA ALA A 211 20.39 0.23 -16.91
C ALA A 211 21.27 -0.75 -16.14
N LYS A 212 21.71 -0.33 -14.96
CA LYS A 212 22.54 -1.21 -14.13
C LYS A 212 21.76 -2.44 -13.69
N ALA A 213 20.44 -2.33 -13.53
CA ALA A 213 19.62 -3.46 -13.12
C ALA A 213 18.42 -3.65 -14.04
N PHE A 214 17.80 -4.83 -13.92
CA PHE A 214 16.56 -5.15 -14.63
C PHE A 214 15.65 -3.93 -14.70
N ALA A 215 15.20 -3.61 -15.92
CA ALA A 215 14.39 -2.40 -16.13
C ALA A 215 13.52 -2.67 -17.36
N LEU A 216 12.31 -3.18 -17.12
CA LEU A 216 11.43 -3.72 -18.15
C LEU A 216 10.01 -3.18 -17.95
N GLY A 217 9.39 -2.79 -19.05
CA GLY A 217 7.97 -2.44 -19.04
C GLY A 217 7.24 -3.20 -20.13
N VAL A 218 6.01 -3.63 -19.79
CA VAL A 218 5.16 -4.31 -20.75
C VAL A 218 3.78 -3.70 -20.68
N GLN A 219 3.10 -3.66 -21.82
CA GLN A 219 1.79 -3.02 -21.93
C GLN A 219 0.67 -3.96 -21.51
N TRP A 220 0.89 -5.25 -21.61
CA TRP A 220 -0.09 -6.25 -21.19
C TRP A 220 0.02 -6.47 -19.69
N HIS A 221 -0.74 -7.46 -19.21
CA HIS A 221 -0.93 -7.71 -17.79
C HIS A 221 -0.40 -9.09 -17.41
N PRO A 222 0.92 -9.22 -17.29
CA PRO A 222 1.47 -10.55 -16.97
C PRO A 222 1.20 -10.98 -15.54
N GLU A 223 0.68 -10.11 -14.69
CA GLU A 223 0.33 -10.54 -13.32
C GLU A 223 -0.84 -11.49 -13.36
N TRP A 224 -1.63 -11.47 -14.41
CA TRP A 224 -2.89 -12.23 -14.42
C TRP A 224 -2.64 -13.74 -14.43
N GLN A 225 -3.11 -14.43 -13.40
CA GLN A 225 -2.95 -15.88 -13.34
C GLN A 225 -1.54 -16.29 -13.74
N VAL A 226 -0.58 -15.64 -13.07
CA VAL A 226 0.80 -15.61 -13.58
C VAL A 226 1.37 -17.02 -13.70
N LEU A 227 1.04 -17.91 -12.76
CA LEU A 227 1.69 -19.21 -12.76
C LEU A 227 1.24 -20.09 -13.92
N THR A 228 0.12 -19.75 -14.56
CA THR A 228 -0.45 -20.58 -15.62
C THR A 228 0.03 -20.22 -17.01
N ASN A 229 0.70 -19.08 -17.18
CA ASN A 229 1.20 -18.63 -18.49
C ASN A 229 2.71 -18.61 -18.42
N PRO A 230 3.42 -19.45 -19.18
CA PRO A 230 4.87 -19.52 -18.99
C PRO A 230 5.56 -18.23 -19.37
N ASN A 231 4.97 -17.47 -20.27
CA ASN A 231 5.58 -16.21 -20.68
C ASN A 231 5.42 -15.14 -19.61
N TYR A 232 4.24 -15.08 -18.98
CA TYR A 232 4.04 -14.17 -17.85
C TYR A 232 4.95 -14.56 -16.70
N LEU A 233 4.99 -15.85 -16.38
CA LEU A 233 5.78 -16.34 -15.26
C LEU A 233 7.26 -16.04 -15.46
N ALA A 234 7.76 -16.21 -16.68
CA ALA A 234 9.18 -15.96 -16.89
C ALA A 234 9.53 -14.50 -16.64
N ILE A 235 8.61 -13.60 -16.96
CA ILE A 235 8.81 -12.19 -16.67
C ILE A 235 8.88 -11.96 -15.16
N PHE A 236 7.90 -12.51 -14.41
CA PHE A 236 7.91 -12.30 -12.98
C PHE A 236 9.09 -12.97 -12.30
N GLN A 237 9.53 -14.12 -12.81
CA GLN A 237 10.66 -14.79 -12.16
C GLN A 237 11.97 -14.05 -12.40
N ALA A 238 12.15 -13.52 -13.61
CA ALA A 238 13.35 -12.72 -13.88
C ALA A 238 13.37 -11.47 -13.01
N PHE A 239 12.22 -10.80 -12.92
CA PHE A 239 12.10 -9.66 -12.02
C PHE A 239 12.43 -10.07 -10.61
N GLY A 240 11.85 -11.19 -10.16
CA GLY A 240 12.12 -11.64 -8.80
C GLY A 240 13.59 -11.92 -8.55
N LYS A 241 14.25 -12.56 -9.51
CA LYS A 241 15.69 -12.84 -9.38
C LYS A 241 16.49 -11.56 -9.26
N ALA A 242 16.14 -10.55 -10.05
CA ALA A 242 16.86 -9.29 -9.97
C ALA A 242 16.65 -8.63 -8.62
N CYS A 243 15.45 -8.78 -8.06
CA CYS A 243 15.23 -8.23 -6.73
C CYS A 243 16.08 -8.97 -5.68
N SER A 244 16.21 -10.29 -5.82
CA SER A 244 17.11 -11.05 -4.97
C SER A 244 18.55 -10.57 -5.12
N LYS A 245 19.00 -10.37 -6.36
CA LYS A 245 20.36 -9.88 -6.60
C LYS A 245 20.60 -8.56 -5.87
N ARG A 246 19.61 -7.66 -5.89
CA ARG A 246 19.83 -6.36 -5.30
C ARG A 246 20.01 -6.48 -3.79
N ALA A 247 19.11 -7.26 -3.17
CA ALA A 247 19.18 -7.50 -1.73
C ALA A 247 20.58 -7.89 -1.32
N GLY A 248 21.26 -8.65 -2.17
CA GLY A 248 22.65 -8.96 -1.98
C GLY A 248 23.54 -7.89 -2.56
N LEU B 4 14.86 7.22 8.83
CA LEU B 4 13.40 7.13 8.92
C LEU B 4 13.01 5.70 9.19
N PRO B 5 12.24 5.46 10.24
CA PRO B 5 11.75 4.11 10.47
C PRO B 5 10.70 3.75 9.43
N LEU B 6 10.73 2.52 8.97
CA LEU B 6 9.72 2.01 8.05
C LEU B 6 8.55 1.52 8.88
N ILE B 7 7.41 2.18 8.78
CA ILE B 7 6.23 1.93 9.59
C ILE B 7 5.18 1.34 8.69
N GLY B 8 4.80 0.12 8.99
CA GLY B 8 3.78 -0.55 8.21
C GLY B 8 2.40 -0.10 8.65
N VAL B 9 1.55 0.16 7.67
CA VAL B 9 0.18 0.58 7.90
C VAL B 9 -0.70 -0.53 7.34
N THR B 10 -1.60 -1.07 8.16
CA THR B 10 -2.42 -2.20 7.71
C THR B 10 -3.42 -1.76 6.65
N ALA B 11 -3.51 -2.54 5.56
CA ALA B 11 -4.56 -2.38 4.55
C ALA B 11 -5.80 -3.21 4.91
N CYS B 12 -6.95 -2.76 4.42
CA CYS B 12 -8.19 -3.53 4.34
C CYS B 12 -8.40 -3.94 2.88
N THR B 13 -9.15 -5.03 2.66
CA THR B 13 -9.54 -5.44 1.31
C THR B 13 -10.86 -4.76 0.94
N LYS B 14 -11.03 -4.47 -0.34
CA LYS B 14 -12.25 -3.84 -0.82
C LYS B 14 -12.44 -4.21 -2.28
N GLN B 15 -13.65 -4.63 -2.63
CA GLN B 15 -14.02 -4.80 -4.04
C GLN B 15 -14.33 -3.45 -4.65
N ILE B 16 -13.69 -3.13 -5.76
CA ILE B 16 -13.94 -1.86 -6.46
C ILE B 16 -14.24 -2.24 -7.91
N GLY B 17 -15.52 -2.23 -8.26
CA GLY B 17 -15.95 -2.70 -9.56
C GLY B 17 -15.70 -4.18 -9.70
N LEU B 18 -14.85 -4.52 -10.67
CA LEU B 18 -14.54 -5.92 -10.95
C LEU B 18 -13.54 -6.50 -9.97
N HIS B 19 -12.64 -5.66 -9.46
CA HIS B 19 -11.37 -6.10 -8.92
C HIS B 19 -11.30 -6.02 -7.41
N PRO B 20 -10.60 -6.96 -6.79
CA PRO B 20 -10.29 -6.82 -5.37
C PRO B 20 -9.09 -5.91 -5.19
N TYR B 21 -9.20 -4.98 -4.24
CA TYR B 21 -8.14 -4.07 -3.90
C TYR B 21 -7.76 -4.14 -2.43
N HIS B 22 -6.51 -3.79 -2.15
CA HIS B 22 -6.03 -3.50 -0.82
C HIS B 22 -5.88 -2.00 -0.64
N ILE B 23 -6.47 -1.48 0.44
CA ILE B 23 -6.63 -0.03 0.60
C ILE B 23 -6.21 0.41 1.98
N ALA B 24 -5.70 1.64 2.07
CA ALA B 24 -5.30 2.26 3.34
C ALA B 24 -5.57 3.75 3.28
N GLY B 25 -6.06 4.30 4.38
CA GLY B 25 -6.49 5.69 4.39
C GLY B 25 -5.34 6.68 4.27
N ASP B 26 -5.50 7.63 3.37
CA ASP B 26 -4.55 8.73 3.23
C ASP B 26 -4.24 9.41 4.56
N LYS B 27 -5.24 9.61 5.41
CA LYS B 27 -4.94 10.36 6.64
C LYS B 27 -3.99 9.60 7.54
N TYR B 28 -4.07 8.27 7.58
CA TYR B 28 -3.14 7.51 8.42
C TYR B 28 -1.72 7.64 7.89
N LEU B 29 -1.57 7.53 6.58
CA LEU B 29 -0.26 7.59 5.96
C LEU B 29 0.38 8.94 6.18
N ARG B 30 -0.38 10.02 6.01
CA ARG B 30 0.18 11.33 6.27
C ARG B 30 0.48 11.55 7.74
N ALA B 31 -0.34 10.99 8.66
CA ALA B 31 -0.01 11.11 10.07
C ALA B 31 1.30 10.40 10.39
N VAL B 32 1.54 9.26 9.74
CA VAL B 32 2.78 8.54 9.94
C VAL B 32 3.96 9.40 9.51
N VAL B 33 3.82 10.07 8.36
CA VAL B 33 4.89 10.93 7.89
C VAL B 33 5.10 12.11 8.82
N ASN B 34 4.03 12.84 9.09
CA ASN B 34 4.14 14.15 9.73
C ASN B 34 4.16 14.05 11.24
N GLY B 35 3.52 13.05 11.80
CA GLY B 35 3.43 12.94 13.25
C GLY B 35 4.42 11.98 13.86
N ALA B 36 4.67 10.86 13.20
CA ALA B 36 5.63 9.90 13.70
C ALA B 36 7.01 10.02 13.06
N GLY B 37 7.17 10.88 12.05
CA GLY B 37 8.45 10.96 11.36
C GLY B 37 8.88 9.68 10.70
N GLY B 38 7.94 8.88 10.19
CA GLY B 38 8.24 7.61 9.59
C GLY B 38 8.01 7.58 8.08
N LEU B 39 8.47 6.48 7.49
CA LEU B 39 8.20 6.18 6.09
C LEU B 39 7.10 5.15 6.02
N PRO B 40 5.88 5.51 5.61
CA PRO B 40 4.78 4.57 5.68
C PRO B 40 4.77 3.66 4.44
N LEU B 41 4.71 2.37 4.68
CA LEU B 41 4.45 1.40 3.64
C LEU B 41 3.22 0.61 4.04
N ILE B 42 2.39 0.32 3.08
CA ILE B 42 1.10 -0.30 3.33
C ILE B 42 1.27 -1.82 3.29
N ILE B 43 0.76 -2.51 4.30
CA ILE B 43 0.90 -3.96 4.41
C ILE B 43 -0.34 -4.60 3.79
N PRO B 44 -0.19 -5.44 2.78
CA PRO B 44 -1.36 -6.08 2.16
C PRO B 44 -2.08 -6.97 3.15
N ALA B 45 -3.38 -7.06 2.99
CA ALA B 45 -4.22 -7.92 3.81
C ALA B 45 -4.31 -9.31 3.16
N LEU B 46 -3.17 -9.99 3.13
CA LEU B 46 -3.08 -11.28 2.46
C LEU B 46 -3.05 -12.47 3.41
N GLY B 47 -3.06 -12.24 4.72
CA GLY B 47 -3.23 -13.35 5.64
C GLY B 47 -2.16 -14.39 5.44
N GLU B 48 -2.59 -15.65 5.29
CA GLU B 48 -1.65 -16.77 5.21
C GLU B 48 -0.81 -16.77 3.95
N SER B 49 -1.19 -16.01 2.92
CA SER B 49 -0.44 -16.07 1.67
C SER B 49 0.96 -15.46 1.80
N ILE B 50 1.14 -14.50 2.72
CA ILE B 50 2.45 -13.91 3.00
C ILE B 50 3.07 -14.65 4.18
N ASP B 51 4.40 -14.62 4.28
CA ASP B 51 5.07 -15.17 5.46
C ASP B 51 5.10 -14.11 6.56
N GLN B 52 4.37 -14.35 7.64
CA GLN B 52 4.25 -13.36 8.69
C GLN B 52 5.60 -12.98 9.27
N ALA B 53 6.50 -13.95 9.44
CA ALA B 53 7.79 -13.64 10.05
C ALA B 53 8.62 -12.76 9.11
N ALA B 54 8.53 -13.00 7.80
CA ALA B 54 9.22 -12.12 6.86
C ALA B 54 8.59 -10.73 6.87
N LEU B 55 7.27 -10.68 6.95
CA LEU B 55 6.57 -9.40 7.05
C LEU B 55 7.05 -8.60 8.25
N LEU B 56 7.05 -9.23 9.44
CA LEU B 56 7.43 -8.50 10.65
C LEU B 56 8.88 -8.04 10.60
N ASP B 57 9.76 -8.84 10.00
CA ASP B 57 11.18 -8.48 9.98
C ASP B 57 11.42 -7.24 9.13
N SER B 58 10.57 -7.00 8.15
CA SER B 58 10.78 -5.91 7.21
C SER B 58 10.31 -4.56 7.73
N VAL B 59 9.70 -4.48 8.91
CA VAL B 59 9.18 -3.21 9.41
C VAL B 59 9.81 -2.86 10.75
N ASP B 60 9.78 -1.56 11.07
CA ASP B 60 10.21 -1.03 12.35
C ASP B 60 9.03 -0.71 13.27
N GLY B 61 7.82 -0.93 12.81
CA GLY B 61 6.64 -0.50 13.55
C GLY B 61 5.41 -0.82 12.72
N LEU B 62 4.28 -0.91 13.43
CA LEU B 62 3.02 -1.30 12.79
C LEU B 62 1.91 -0.40 13.32
N LEU B 63 1.27 0.33 12.41
CA LEU B 63 0.04 1.06 12.70
C LEU B 63 -1.14 0.19 12.28
N PHE B 64 -1.93 -0.22 13.27
CA PHE B 64 -3.02 -1.16 13.07
C PHE B 64 -4.35 -0.43 13.05
N THR B 65 -5.04 -0.48 11.94
CA THR B 65 -6.39 0.02 11.84
C THR B 65 -7.31 -1.17 11.63
N GLY B 66 -8.57 -0.91 11.35
CA GLY B 66 -9.49 -1.94 10.87
C GLY B 66 -8.97 -3.35 10.59
N PRO B 97 -2.69 -13.65 13.34
CA PRO B 97 -2.49 -13.02 14.64
C PRO B 97 -1.41 -11.96 14.54
N LEU B 98 -1.47 -11.09 13.53
CA LEU B 98 -0.36 -10.20 13.24
C LEU B 98 -0.02 -9.32 14.44
N VAL B 99 -1.02 -8.72 15.07
CA VAL B 99 -0.73 -7.77 16.15
C VAL B 99 -0.08 -8.48 17.32
N ARG B 100 -0.51 -9.72 17.61
CA ARG B 100 0.09 -10.49 18.70
C ARG B 100 1.55 -10.77 18.42
N ALA B 101 1.84 -11.27 17.21
CA ALA B 101 3.20 -11.62 16.84
C ALA B 101 4.12 -10.41 16.84
N ALA B 102 3.64 -9.27 16.35
CA ALA B 102 4.45 -8.05 16.42
C ALA B 102 4.80 -7.73 17.87
N ILE B 103 3.82 -7.78 18.78
CA ILE B 103 4.08 -7.45 20.17
C ILE B 103 5.08 -8.42 20.78
N ASP B 104 4.85 -9.72 20.58
CA ASP B 104 5.78 -10.72 21.11
C ASP B 104 7.19 -10.50 20.56
N ALA B 105 7.30 -9.94 19.34
CA ALA B 105 8.60 -9.71 18.72
C ALA B 105 9.26 -8.41 19.17
N GLY B 106 8.57 -7.56 19.91
CA GLY B 106 9.13 -6.27 20.25
C GLY B 106 9.08 -5.24 19.13
N ILE B 107 8.13 -5.38 18.22
CA ILE B 107 7.91 -4.39 17.17
C ILE B 107 6.87 -3.40 17.69
N PRO B 108 7.16 -2.10 17.74
CA PRO B 108 6.17 -1.14 18.26
C PRO B 108 4.87 -1.25 17.50
N VAL B 109 3.76 -1.11 18.24
CA VAL B 109 2.42 -1.21 17.69
C VAL B 109 1.59 -0.04 18.21
N LEU B 110 0.90 0.65 17.30
CA LEU B 110 -0.14 1.60 17.62
C LEU B 110 -1.43 1.15 16.93
N GLY B 111 -2.46 0.91 17.72
CA GLY B 111 -3.77 0.53 17.22
C GLY B 111 -4.76 1.68 17.33
N ILE B 112 -5.53 1.88 16.25
CA ILE B 112 -6.49 2.98 16.19
C ILE B 112 -7.85 2.41 15.81
N CYS B 113 -8.87 2.73 16.61
CA CYS B 113 -10.27 2.39 16.34
C CYS B 113 -10.42 0.88 16.19
N ARG B 114 -10.73 0.38 15.00
CA ARG B 114 -10.86 -1.07 14.84
C ARG B 114 -9.57 -1.80 15.24
N GLY B 115 -8.42 -1.15 15.03
CA GLY B 115 -7.15 -1.77 15.42
C GLY B 115 -7.00 -1.94 16.91
N PHE B 116 -7.52 -0.99 17.67
CA PHE B 116 -7.58 -1.08 19.13
C PHE B 116 -8.56 -2.16 19.55
N GLN B 117 -9.71 -2.22 18.90
CA GLN B 117 -10.65 -3.30 19.19
C GLN B 117 -10.03 -4.66 18.90
N GLU B 118 -9.34 -4.78 17.76
CA GLU B 118 -8.73 -6.07 17.40
C GLU B 118 -7.62 -6.43 18.37
N MET B 119 -6.88 -5.44 18.90
CA MET B 119 -5.91 -5.73 19.95
C MET B 119 -6.59 -6.37 21.14
N ASN B 120 -7.72 -5.81 21.57
CA ASN B 120 -8.41 -6.41 22.71
C ASN B 120 -8.83 -7.85 22.41
N VAL B 121 -9.44 -8.08 21.24
CA VAL B 121 -9.92 -9.42 20.93
C VAL B 121 -8.75 -10.39 20.81
N ALA B 122 -7.63 -9.92 20.26
CA ALA B 122 -6.49 -10.78 20.01
C ALA B 122 -5.88 -11.32 21.29
N PHE B 123 -6.11 -10.66 22.42
CA PHE B 123 -5.59 -11.12 23.71
C PHE B 123 -6.69 -11.76 24.55
N GLY B 124 -7.86 -11.95 23.98
CA GLY B 124 -8.92 -12.69 24.64
C GLY B 124 -10.07 -11.88 25.17
N GLY B 125 -10.16 -10.58 24.85
CA GLY B 125 -11.25 -9.76 25.32
C GLY B 125 -12.42 -9.81 24.37
N SER B 126 -13.46 -9.05 24.71
CA SER B 126 -14.67 -9.00 23.93
C SER B 126 -15.07 -7.56 23.62
N LEU B 127 -16.08 -7.44 22.77
CA LEU B 127 -16.54 -6.16 22.26
C LEU B 127 -18.06 -6.03 22.41
N HIS B 128 -18.50 -4.80 22.63
CA HIS B 128 -19.89 -4.43 22.40
C HIS B 128 -20.06 -4.14 20.92
N GLN B 129 -21.04 -4.80 20.31
CA GLN B 129 -21.26 -4.58 18.88
C GLN B 129 -21.98 -3.26 18.63
N LYS B 130 -22.74 -2.77 19.61
CA LYS B 130 -23.42 -1.47 19.54
C LYS B 130 -23.33 -0.80 20.92
N VAL B 131 -22.31 0.02 21.11
CA VAL B 131 -22.12 0.70 22.40
C VAL B 131 -23.34 1.56 22.77
N HIS B 132 -23.91 2.21 21.75
CA HIS B 132 -25.02 3.10 21.92
C HIS B 132 -26.32 2.39 22.24
N GLU B 133 -26.33 1.06 22.23
CA GLU B 133 -27.50 0.26 22.63
C GLU B 133 -27.23 -0.56 23.89
N VAL B 134 -26.18 -0.23 24.65
CA VAL B 134 -25.92 -0.93 25.90
C VAL B 134 -26.81 -0.39 27.01
N GLY B 135 -27.01 0.92 27.02
CA GLY B 135 -27.92 1.58 27.93
C GLY B 135 -27.25 2.49 28.93
N THR B 136 -25.98 2.25 29.21
CA THR B 136 -25.27 3.09 30.17
C THR B 136 -23.98 3.63 29.58
N PHE B 137 -23.85 3.59 28.26
CA PHE B 137 -22.87 4.39 27.55
C PHE B 137 -23.58 5.48 26.73
N MET B 138 -22.81 6.50 26.39
CA MET B 138 -23.31 7.45 25.41
C MET B 138 -23.23 6.84 24.01
N ASP B 139 -23.80 7.59 23.06
CA ASP B 139 -23.60 7.28 21.64
C ASP B 139 -22.23 7.81 21.23
N HIS B 140 -21.33 6.88 20.86
CA HIS B 140 -19.97 7.23 20.50
C HIS B 140 -19.77 7.35 19.02
N ARG B 141 -20.84 7.22 18.24
CA ARG B 141 -20.73 7.38 16.80
C ARG B 141 -20.62 8.84 16.43
N GLU B 142 -20.05 9.05 15.25
CA GLU B 142 -19.93 10.38 14.69
C GLU B 142 -21.29 10.85 14.22
N PRO B 143 -21.48 12.17 14.11
CA PRO B 143 -22.72 12.68 13.49
C PRO B 143 -22.76 12.33 12.01
N ALA B 144 -23.87 11.72 11.60
CA ALA B 144 -23.97 11.24 10.23
C ALA B 144 -24.25 12.40 9.27
N ASP B 145 -23.95 12.17 8.00
CA ASP B 145 -24.08 13.17 6.95
C ASP B 145 -23.60 14.54 7.44
N GLN B 146 -22.33 14.58 7.81
CA GLN B 146 -21.64 15.80 8.17
C GLN B 146 -20.25 15.73 7.58
N PRO B 147 -19.62 16.86 7.29
CA PRO B 147 -18.28 16.82 6.71
C PRO B 147 -17.26 16.34 7.70
N LEU B 148 -16.13 15.87 7.15
CA LEU B 148 -15.06 15.29 7.96
C LEU B 148 -14.67 16.19 9.13
N GLU B 149 -14.60 17.50 8.88
CA GLU B 149 -14.15 18.45 9.89
C GLU B 149 -15.00 18.37 11.14
N VAL B 150 -16.30 18.13 10.95
CA VAL B 150 -17.24 18.04 12.04
C VAL B 150 -17.21 16.66 12.65
N GLN B 151 -17.19 15.64 11.78
CA GLN B 151 -17.23 14.26 12.25
C GLN B 151 -16.01 13.91 13.09
N TYR B 152 -14.84 14.47 12.76
CA TYR B 152 -13.60 14.09 13.42
C TYR B 152 -13.13 15.12 14.43
N ALA B 153 -13.95 16.11 14.75
CA ALA B 153 -13.62 17.08 15.78
C ALA B 153 -13.80 16.44 17.15
N PRO B 154 -13.20 16.99 18.19
CA PRO B 154 -13.39 16.38 19.52
C PRO B 154 -14.86 16.42 19.90
N ARG B 155 -15.33 15.35 20.56
CA ARG B 155 -16.75 15.16 20.86
C ARG B 155 -17.00 14.76 22.31
N HIS B 156 -16.04 14.10 22.96
CA HIS B 156 -16.20 13.77 24.37
C HIS B 156 -14.85 13.76 25.06
N ALA B 157 -14.90 13.82 26.40
CA ALA B 157 -13.68 13.84 27.19
C ALA B 157 -13.03 12.45 27.26
N MET B 158 -11.82 12.44 27.78
CA MET B 158 -11.07 11.20 27.91
C MET B 158 -10.19 11.31 29.15
N HIS B 159 -10.32 10.35 30.07
CA HIS B 159 -9.70 10.41 31.38
C HIS B 159 -8.56 9.39 31.45
N VAL B 160 -7.34 9.89 31.58
CA VAL B 160 -6.19 9.01 31.60
C VAL B 160 -6.10 8.31 32.95
N GLN B 161 -5.82 7.02 32.93
CA GLN B 161 -5.62 6.26 34.17
C GLN B 161 -4.17 6.37 34.57
N PRO B 162 -3.84 6.91 35.75
CA PRO B 162 -2.43 7.17 36.03
C PRO B 162 -1.59 5.92 35.86
N GLY B 163 -0.30 6.15 35.68
CA GLY B 163 0.68 5.11 35.84
C GLY B 163 0.89 4.18 34.68
N GLY B 164 0.36 4.52 33.48
CA GLY B 164 0.58 3.69 32.32
C GLY B 164 1.22 4.45 31.18
N VAL B 165 1.01 3.97 29.94
CA VAL B 165 1.75 4.51 28.80
C VAL B 165 1.34 5.95 28.52
N LEU B 166 0.04 6.27 28.63
CA LEU B 166 -0.41 7.61 28.29
C LEU B 166 0.07 8.63 29.32
N ALA B 167 0.01 8.26 30.61
CA ALA B 167 0.64 9.07 31.63
C ALA B 167 2.10 9.33 31.30
N GLY B 168 2.81 8.26 30.95
CA GLY B 168 4.25 8.34 30.79
C GLY B 168 4.70 9.17 29.60
N ILE B 169 3.86 9.27 28.57
CA ILE B 169 4.21 10.15 27.46
C ILE B 169 3.79 11.59 27.70
N GLY B 170 3.18 11.90 28.84
CA GLY B 170 2.92 13.26 29.24
C GLY B 170 1.52 13.78 29.04
N LEU B 171 0.57 12.93 28.66
CA LEU B 171 -0.76 13.43 28.45
C LEU B 171 -1.37 13.95 29.76
N PRO B 172 -2.23 14.94 29.68
CA PRO B 172 -2.95 15.41 30.88
C PRO B 172 -3.95 14.37 31.36
N SER B 173 -4.47 14.61 32.56
CA SER B 173 -5.37 13.62 33.14
C SER B 173 -6.72 13.60 32.43
N GLU B 174 -7.10 14.72 31.82
CA GLU B 174 -8.31 14.78 31.01
C GLU B 174 -7.98 15.56 29.74
N PHE B 175 -8.42 15.04 28.58
CA PHE B 175 -8.39 15.79 27.33
C PHE B 175 -9.58 15.35 26.47
N GLN B 176 -9.82 16.10 25.40
CA GLN B 176 -10.96 15.90 24.52
C GLN B 176 -10.53 15.06 23.33
N VAL B 177 -11.39 14.13 22.93
CA VAL B 177 -11.10 13.27 21.79
C VAL B 177 -12.28 13.22 20.84
N ASN B 178 -11.99 12.92 19.57
CA ASN B 178 -13.04 12.57 18.65
C ASN B 178 -13.58 11.17 18.92
N SER B 179 -14.65 10.82 18.21
CA SER B 179 -15.36 9.57 18.51
C SER B 179 -16.15 9.21 17.26
N ILE B 180 -15.73 8.13 16.60
CA ILE B 180 -16.26 7.67 15.32
C ILE B 180 -16.43 6.16 15.43
N HIS B 181 -17.10 5.69 16.48
CA HIS B 181 -17.18 4.25 16.67
C HIS B 181 -18.54 3.83 17.21
N GLY B 182 -19.06 2.74 16.61
CA GLY B 182 -20.28 2.11 17.06
C GLY B 182 -20.01 0.91 17.95
N GLN B 183 -18.81 0.33 17.85
CA GLN B 183 -18.38 -0.76 18.71
C GLN B 183 -17.46 -0.22 19.80
N GLY B 184 -17.20 -1.06 20.80
CA GLY B 184 -16.21 -0.71 21.80
C GLY B 184 -15.88 -1.93 22.62
N VAL B 185 -14.98 -1.75 23.57
CA VAL B 185 -14.49 -2.83 24.42
C VAL B 185 -15.53 -3.15 25.50
N ASP B 186 -15.80 -4.44 25.67
CA ASP B 186 -16.65 -4.91 26.75
C ASP B 186 -15.76 -5.59 27.77
N ARG B 187 -15.43 -6.87 27.62
CA ARG B 187 -14.48 -7.50 28.54
C ARG B 187 -13.07 -7.13 28.12
N LEU B 188 -12.32 -6.54 29.03
CA LEU B 188 -10.90 -6.31 28.80
C LEU B 188 -10.14 -7.63 28.86
N ALA B 189 -9.31 -7.87 27.85
CA ALA B 189 -8.51 -9.08 27.75
C ALA B 189 -7.52 -9.18 28.90
N PRO B 190 -7.23 -10.38 29.36
CA PRO B 190 -6.15 -10.52 30.35
C PRO B 190 -4.84 -9.98 29.78
N GLY B 191 -4.05 -9.37 30.64
CA GLY B 191 -2.74 -8.88 30.25
C GLY B 191 -2.71 -7.48 29.68
N LEU B 192 -3.85 -6.80 29.65
CA LEU B 192 -3.92 -5.42 29.17
C LEU B 192 -4.20 -4.45 30.29
N ARG B 193 -3.50 -3.32 30.27
CA ARG B 193 -3.72 -2.23 31.21
C ARG B 193 -4.70 -1.23 30.61
N VAL B 194 -5.68 -0.82 31.42
CA VAL B 194 -6.56 0.28 31.00
C VAL B 194 -5.78 1.58 31.04
N GLU B 195 -5.79 2.31 29.91
CA GLU B 195 -5.05 3.57 29.80
C GLU B 195 -5.92 4.81 29.90
N ALA B 196 -7.19 4.75 29.49
CA ALA B 196 -8.07 5.90 29.57
C ALA B 196 -9.52 5.44 29.44
N LEU B 197 -10.42 6.23 30.04
CA LEU B 197 -11.84 6.01 30.03
C LEU B 197 -12.60 7.24 29.54
N ALA B 198 -13.62 7.02 28.70
CA ALA B 198 -14.59 8.03 28.36
C ALA B 198 -15.42 8.37 29.59
N PRO B 199 -16.22 9.45 29.51
CA PRO B 199 -16.97 9.93 30.69
C PRO B 199 -18.22 9.13 31.03
N ASP B 200 -18.47 8.05 30.28
CA ASP B 200 -19.47 7.05 30.59
C ASP B 200 -18.83 5.75 31.08
N GLY B 201 -17.53 5.77 31.32
CA GLY B 201 -16.80 4.61 31.73
C GLY B 201 -16.31 3.66 30.67
N LEU B 202 -16.52 3.96 29.39
CA LEU B 202 -16.05 3.05 28.35
C LEU B 202 -14.53 3.06 28.27
N VAL B 203 -13.92 1.87 28.24
CA VAL B 203 -12.48 1.73 28.04
C VAL B 203 -12.16 2.12 26.60
N GLU B 204 -11.37 3.18 26.43
CA GLU B 204 -11.01 3.69 25.10
C GLU B 204 -9.51 3.68 24.87
N ALA B 205 -8.71 3.20 25.82
CA ALA B 205 -7.32 2.97 25.48
C ALA B 205 -6.70 1.92 26.37
N ILE B 206 -5.75 1.19 25.81
CA ILE B 206 -5.17 0.01 26.46
C ILE B 206 -3.70 -0.08 26.09
N SER B 207 -2.94 -0.76 26.95
CA SER B 207 -1.57 -1.13 26.67
C SER B 207 -1.37 -2.57 27.12
N VAL B 208 -0.27 -3.15 26.64
CA VAL B 208 0.03 -4.56 26.85
C VAL B 208 1.09 -4.66 27.95
N GLU B 209 0.69 -5.22 29.09
CA GLU B 209 1.61 -5.32 30.21
C GLU B 209 2.85 -6.13 29.83
N GLY B 210 4.01 -5.62 30.23
CA GLY B 210 5.25 -6.32 29.97
C GLY B 210 5.63 -6.47 28.52
N ALA B 211 5.10 -5.64 27.63
CA ALA B 211 5.55 -5.68 26.24
C ALA B 211 6.97 -5.12 26.16
N LYS B 212 7.82 -5.79 25.39
CA LYS B 212 9.18 -5.29 25.20
C LYS B 212 9.17 -3.89 24.61
N ALA B 213 8.18 -3.57 23.78
CA ALA B 213 8.14 -2.33 23.05
C ALA B 213 6.78 -1.66 23.19
N PHE B 214 6.74 -0.38 22.85
CA PHE B 214 5.53 0.41 22.73
C PHE B 214 4.39 -0.43 22.17
N ALA B 215 3.29 -0.51 22.93
CA ALA B 215 2.15 -1.35 22.51
C ALA B 215 0.89 -0.67 23.06
N LEU B 216 0.28 0.17 22.23
CA LEU B 216 -0.79 1.04 22.66
C LEU B 216 -1.92 0.96 21.64
N GLY B 217 -3.15 0.87 22.14
CA GLY B 217 -4.35 0.97 21.32
C GLY B 217 -5.24 2.08 21.84
N VAL B 218 -5.80 2.88 20.93
CA VAL B 218 -6.77 3.89 21.32
C VAL B 218 -8.01 3.82 20.44
N GLN B 219 -9.16 4.12 21.04
CA GLN B 219 -10.44 3.98 20.34
C GLN B 219 -10.70 5.17 19.41
N TRP B 220 -10.13 6.33 19.74
CA TRP B 220 -10.38 7.54 18.96
C TRP B 220 -9.41 7.59 17.79
N HIS B 221 -9.37 8.72 17.09
CA HIS B 221 -8.63 8.83 15.84
C HIS B 221 -7.57 9.92 15.96
N PRO B 222 -6.44 9.61 16.60
CA PRO B 222 -5.37 10.61 16.76
C PRO B 222 -4.64 10.95 15.50
N GLU B 223 -4.85 10.22 14.41
CA GLU B 223 -4.23 10.61 13.15
C GLU B 223 -4.84 11.89 12.60
N TRP B 224 -6.06 12.20 12.98
CA TRP B 224 -6.78 13.33 12.42
C TRP B 224 -6.08 14.65 12.72
N GLN B 225 -5.66 15.35 11.66
CA GLN B 225 -5.00 16.65 11.81
C GLN B 225 -4.01 16.62 12.96
N VAL B 226 -3.16 15.59 12.93
CA VAL B 226 -2.37 15.17 14.07
C VAL B 226 -1.50 16.31 14.60
N LEU B 227 -0.96 17.16 13.71
CA LEU B 227 -0.01 18.13 14.21
C LEU B 227 -0.68 19.23 15.02
N THR B 228 -2.01 19.37 14.91
CA THR B 228 -2.73 20.48 15.51
C THR B 228 -3.26 20.16 16.90
N ASN B 229 -3.20 18.91 17.32
CA ASN B 229 -3.68 18.47 18.63
C ASN B 229 -2.51 17.94 19.42
N PRO B 230 -2.09 18.60 20.51
CA PRO B 230 -0.86 18.15 21.18
C PRO B 230 -0.97 16.78 21.79
N ASN B 231 -2.19 16.36 22.11
CA ASN B 231 -2.37 15.01 22.66
C ASN B 231 -2.28 13.95 21.57
N TYR B 232 -2.86 14.20 20.41
CA TYR B 232 -2.70 13.26 19.30
C TYR B 232 -1.24 13.22 18.87
N LEU B 233 -0.61 14.39 18.77
CA LEU B 233 0.79 14.44 18.34
C LEU B 233 1.70 13.72 19.31
N ALA B 234 1.43 13.86 20.63
CA ALA B 234 2.30 13.18 21.59
C ALA B 234 2.26 11.68 21.40
N ILE B 235 1.08 11.13 21.13
CA ILE B 235 0.96 9.70 20.87
C ILE B 235 1.76 9.30 19.64
N PHE B 236 1.62 10.05 18.54
CA PHE B 236 2.29 9.67 17.30
C PHE B 236 3.81 9.83 17.41
N GLN B 237 4.28 10.83 18.15
CA GLN B 237 5.71 11.02 18.34
C GLN B 237 6.32 9.94 19.22
N ALA B 238 5.58 9.53 20.26
CA ALA B 238 6.02 8.38 21.06
C ALA B 238 6.11 7.12 20.20
N PHE B 239 5.08 6.86 19.39
CA PHE B 239 5.11 5.71 18.50
C PHE B 239 6.30 5.80 17.56
N GLY B 240 6.52 6.96 16.96
CA GLY B 240 7.62 7.09 16.02
C GLY B 240 9.00 6.96 16.66
N LYS B 241 9.18 7.55 17.84
CA LYS B 241 10.41 7.34 18.58
C LYS B 241 10.65 5.86 18.85
N ALA B 242 9.60 5.13 19.24
CA ALA B 242 9.78 3.70 19.48
C ALA B 242 10.16 2.98 18.19
N CYS B 243 9.59 3.40 17.06
CA CYS B 243 9.96 2.75 15.81
C CYS B 243 11.41 3.06 15.42
N SER B 244 11.87 4.29 15.70
CA SER B 244 13.27 4.64 15.42
C SER B 244 14.21 3.77 16.24
N LYS B 245 13.87 3.53 17.51
CA LYS B 245 14.68 2.66 18.35
C LYS B 245 14.93 1.34 17.63
N ARG B 246 13.85 0.67 17.22
CA ARG B 246 14.01 -0.57 16.49
C ARG B 246 14.85 -0.38 15.24
N ALA B 247 14.66 0.73 14.53
CA ALA B 247 15.44 1.00 13.33
C ALA B 247 16.94 1.05 13.59
N GLY B 248 17.36 1.21 14.85
CA GLY B 248 18.77 1.12 15.19
C GLY B 248 19.23 -0.32 15.38
MG MG C . -2.54 -4.54 -26.53
MG MG D . -15.73 7.41 21.92
#